data_5VGT
#
_entry.id   5VGT
#
_cell.length_a   101.297
_cell.length_b   101.297
_cell.length_c   76.465
_cell.angle_alpha   90.000
_cell.angle_beta   90.000
_cell.angle_gamma   90.000
#
_symmetry.space_group_name_H-M   'P 41 21 2'
#
loop_
_entity.id
_entity.type
_entity.pdbx_description
1 polymer 'Gene 7 protein'
2 non-polymer 'CALCIUM ION'
3 non-polymer 'MAGNESIUM ION'
4 water water
#
_entity_poly.entity_id   1
_entity_poly.type   'polypeptide(L)'
_entity_poly.pdbx_seq_one_letter_code
;MATVLTKGEIVLFALRKFAIASNASLTDVEPQSIEDGVNDLEDMMSEWMINPGDIGYAFATGDEQPLPDDESGLPRKYKH
AVGYQLLLRMLSDYSLEPTPQVLSNAQRSYDALMTDTLVVPSMRLEHHHHHH
;
_entity_poly.pdbx_strand_id   A,B
#
loop_
_chem_comp.id
_chem_comp.type
_chem_comp.name
_chem_comp.formula
CA non-polymer 'CALCIUM ION' 'Ca 2'
MG non-polymer 'MAGNESIUM ION' 'Mg 2'
#
# COMPACT_ATOMS: atom_id res chain seq x y z
N THR A 3 -2.86 11.22 -18.56
CA THR A 3 -3.46 11.04 -17.23
C THR A 3 -4.89 10.54 -17.31
N VAL A 4 -5.24 9.62 -16.41
CA VAL A 4 -6.62 9.17 -16.29
C VAL A 4 -7.32 9.90 -15.14
N LEU A 5 -6.94 9.56 -13.91
CA LEU A 5 -7.46 10.23 -12.71
C LEU A 5 -6.38 10.20 -11.62
N THR A 6 -5.66 11.30 -11.44
CA THR A 6 -4.58 11.29 -10.45
C THR A 6 -5.12 11.43 -9.02
N LYS A 7 -4.29 11.05 -8.06
CA LYS A 7 -4.61 11.26 -6.66
C LYS A 7 -4.85 12.74 -6.39
N GLY A 8 -4.04 13.61 -7.00
CA GLY A 8 -4.17 15.04 -6.81
C GLY A 8 -5.50 15.58 -7.29
N GLU A 9 -6.02 15.02 -8.38
CA GLU A 9 -7.29 15.55 -8.91
C GLU A 9 -8.42 15.20 -7.96
N ILE A 10 -8.40 13.98 -7.44
CA ILE A 10 -9.40 13.60 -6.45
C ILE A 10 -9.32 14.50 -5.21
N VAL A 11 -8.10 14.75 -4.74
CA VAL A 11 -7.91 15.54 -3.54
C VAL A 11 -8.42 16.99 -3.78
N LEU A 12 -8.09 17.55 -4.94
CA LEU A 12 -8.50 18.92 -5.25
C LEU A 12 -10.00 19.08 -5.27
N PHE A 13 -10.68 18.06 -5.79
CA PHE A 13 -12.14 18.06 -5.80
C PHE A 13 -12.67 18.29 -4.38
N ALA A 14 -12.12 17.53 -3.44
CA ALA A 14 -12.51 17.65 -2.03
C ALA A 14 -12.02 18.94 -1.39
N LEU A 15 -10.78 19.36 -1.67
CA LEU A 15 -10.24 20.57 -1.04
C LEU A 15 -11.01 21.81 -1.47
N ARG A 16 -11.38 21.85 -2.74
CA ARG A 16 -12.15 22.99 -3.25
C ARG A 16 -13.47 23.12 -2.52
N LYS A 17 -14.13 22.00 -2.31
CA LYS A 17 -15.44 22.05 -1.64
C LYS A 17 -15.28 22.31 -0.15
N PHE A 18 -14.20 21.80 0.45
CA PHE A 18 -13.93 22.09 1.84
C PHE A 18 -13.71 23.59 2.06
N ALA A 19 -12.93 24.21 1.17
CA ALA A 19 -12.63 25.63 1.29
C ALA A 19 -13.92 26.46 1.27
N ILE A 20 -14.85 26.09 0.40
CA ILE A 20 -16.16 26.75 0.33
C ILE A 20 -16.93 26.62 1.64
N ALA A 21 -17.00 25.39 2.16
CA ALA A 21 -17.69 25.16 3.43
C ALA A 21 -17.01 25.90 4.58
N SER A 22 -15.67 25.86 4.61
CA SER A 22 -14.90 26.49 5.66
C SER A 22 -15.08 28.01 5.65
N ASN A 23 -15.02 28.59 4.46
CA ASN A 23 -15.27 30.02 4.30
C ASN A 23 -16.66 30.43 4.77
N ALA A 24 -17.66 29.63 4.43
CA ALA A 24 -19.04 29.93 4.78
C ALA A 24 -19.26 29.92 6.30
N SER A 25 -18.54 29.06 7.00
CA SER A 25 -18.76 28.88 8.43
C SER A 25 -18.05 29.92 9.28
N LEU A 26 -17.31 30.81 8.62
CA LEU A 26 -16.51 31.86 9.27
C LEU A 26 -15.37 31.32 10.15
N THR A 27 -15.27 30.00 10.30
CA THR A 27 -14.18 29.42 11.08
C THR A 27 -12.84 29.72 10.42
N ASP A 28 -12.86 29.82 9.10
CA ASP A 28 -11.69 30.22 8.31
C ASP A 28 -10.48 29.31 8.57
N VAL A 29 -10.74 28.01 8.54
CA VAL A 29 -9.68 27.01 8.59
C VAL A 29 -9.03 26.89 7.22
N GLU A 30 -7.71 27.01 7.16
CA GLU A 30 -7.01 26.84 5.89
C GLU A 30 -7.03 25.36 5.48
N PRO A 31 -7.40 25.07 4.23
CA PRO A 31 -7.36 23.66 3.79
C PRO A 31 -5.92 23.18 3.74
N GLN A 32 -5.68 21.90 3.93
CA GLN A 32 -4.32 21.39 3.82
C GLN A 32 -3.86 21.49 2.36
N SER A 33 -2.56 21.36 2.16
CA SER A 33 -2.00 21.34 0.82
C SER A 33 -2.50 20.14 0.05
N ILE A 34 -2.36 20.18 -1.26
CA ILE A 34 -2.71 19.01 -2.07
C ILE A 34 -1.82 17.83 -1.68
N GLU A 35 -0.55 18.11 -1.39
CA GLU A 35 0.37 17.04 -1.00
C GLU A 35 -0.09 16.33 0.27
N ASP A 36 -0.56 17.09 1.24
CA ASP A 36 -1.02 16.50 2.49
C ASP A 36 -2.40 15.86 2.31
N GLY A 37 -3.24 16.46 1.48
CA GLY A 37 -4.53 15.85 1.15
C GLY A 37 -4.36 14.46 0.53
N VAL A 38 -3.31 14.28 -0.26
CA VAL A 38 -3.01 12.97 -0.85
C VAL A 38 -2.73 11.94 0.25
N ASN A 39 -2.04 12.36 1.32
CA ASN A 39 -1.82 11.45 2.44
C ASN A 39 -3.14 11.05 3.09
N ASP A 40 -4.04 12.03 3.18
CA ASP A 40 -5.37 11.82 3.73
C ASP A 40 -6.14 10.82 2.87
N LEU A 41 -6.10 10.99 1.55
CA LEU A 41 -6.78 10.07 0.64
C LEU A 41 -6.20 8.67 0.74
N GLU A 42 -4.87 8.61 0.79
CA GLU A 42 -4.19 7.32 0.89
C GLU A 42 -4.61 6.55 2.15
N ASP A 43 -4.73 7.29 3.25
CA ASP A 43 -5.17 6.76 4.53
C ASP A 43 -6.63 6.30 4.45
N MET A 44 -7.50 7.12 3.85
CA MET A 44 -8.91 6.70 3.69
C MET A 44 -9.00 5.42 2.89
N MET A 45 -8.26 5.36 1.80
CA MET A 45 -8.28 4.17 0.95
C MET A 45 -7.77 2.96 1.71
N SER A 46 -6.75 3.16 2.54
CA SER A 46 -6.21 2.09 3.38
C SER A 46 -7.28 1.58 4.35
N GLU A 47 -8.05 2.48 4.93
CA GLU A 47 -9.14 2.09 5.83
CA GLU A 47 -9.11 2.06 5.85
C GLU A 47 -10.20 1.29 5.09
N TRP A 48 -10.50 1.71 3.86
CA TRP A 48 -11.53 1.01 3.09
C TRP A 48 -11.15 -0.43 2.74
N MET A 49 -9.86 -0.71 2.63
CA MET A 49 -9.42 -2.07 2.36
C MET A 49 -9.97 -3.03 3.41
N ILE A 50 -10.07 -2.54 4.65
CA ILE A 50 -10.61 -3.31 5.75
C ILE A 50 -12.13 -3.42 5.63
N ASN A 51 -12.78 -2.29 5.42
CA ASN A 51 -14.23 -2.22 5.15
C ASN A 51 -14.55 -0.92 4.42
N PRO A 52 -15.32 -0.99 3.32
CA PRO A 52 -16.07 -2.14 2.81
C PRO A 52 -15.28 -3.09 1.91
N GLY A 53 -14.05 -2.73 1.57
CA GLY A 53 -13.26 -3.59 0.71
C GLY A 53 -12.53 -2.84 -0.39
N ASP A 54 -11.85 -3.60 -1.23
CA ASP A 54 -10.92 -3.08 -2.22
C ASP A 54 -11.63 -2.60 -3.49
N ILE A 55 -11.41 -1.35 -3.90
CA ILE A 55 -11.97 -0.90 -5.17
C ILE A 55 -10.91 -0.74 -6.24
N GLY A 56 -9.69 -1.20 -5.97
CA GLY A 56 -8.65 -1.17 -6.97
C GLY A 56 -7.76 0.06 -6.97
N TYR A 57 -7.76 0.78 -5.85
CA TYR A 57 -6.89 1.94 -5.70
C TYR A 57 -5.41 1.53 -5.81
N ALA A 58 -4.61 2.37 -6.46
CA ALA A 58 -3.17 2.06 -6.60
C ALA A 58 -2.37 2.67 -5.45
N PHE A 59 -2.03 1.86 -4.45
CA PHE A 59 -1.31 2.35 -3.28
C PHE A 59 0.16 2.54 -3.55
N ALA A 60 0.73 3.57 -2.93
CA ALA A 60 2.20 3.68 -2.79
C ALA A 60 2.67 2.54 -1.89
N THR A 61 3.80 1.91 -2.24
CA THR A 61 4.28 0.76 -1.48
C THR A 61 5.72 0.98 -1.01
N GLY A 62 6.15 0.20 -0.02
CA GLY A 62 7.51 0.33 0.49
C GLY A 62 7.81 1.74 0.96
N ASP A 63 8.92 2.28 0.47
CA ASP A 63 9.38 3.62 0.85
C ASP A 63 8.74 4.74 0.02
N GLU A 64 7.94 4.40 -0.97
CA GLU A 64 7.27 5.39 -1.84
C GLU A 64 6.39 6.34 -1.03
N GLN A 65 6.43 7.63 -1.37
CA GLN A 65 5.50 8.62 -0.83
C GLN A 65 4.50 8.93 -1.95
N PRO A 66 3.18 8.74 -1.69
CA PRO A 66 2.21 9.04 -2.74
C PRO A 66 2.22 10.53 -3.08
N LEU A 67 2.12 10.84 -4.37
CA LEU A 67 2.22 12.21 -4.84
C LEU A 67 0.99 12.61 -5.62
N PRO A 68 0.70 13.92 -5.68
CA PRO A 68 -0.49 14.37 -6.43
C PRO A 68 -0.53 13.87 -7.90
N ASP A 69 0.60 13.84 -8.59
CA ASP A 69 0.53 13.42 -9.98
C ASP A 69 0.50 11.90 -10.20
N ASP A 70 0.55 11.10 -9.12
CA ASP A 70 0.46 9.65 -9.26
C ASP A 70 -0.95 9.26 -9.70
N GLU A 71 -1.06 8.29 -10.61
CA GLU A 71 -2.41 7.79 -10.93
C GLU A 71 -3.04 7.17 -9.70
N SER A 72 -4.34 7.37 -9.54
CA SER A 72 -5.06 6.81 -8.40
C SER A 72 -5.32 5.32 -8.56
N GLY A 73 -5.21 4.84 -9.80
CA GLY A 73 -5.60 3.48 -10.15
C GLY A 73 -7.10 3.34 -10.41
N LEU A 74 -7.82 4.44 -10.25
CA LEU A 74 -9.28 4.42 -10.41
C LEU A 74 -9.68 5.07 -11.74
N PRO A 75 -10.81 4.63 -12.34
CA PRO A 75 -11.32 5.33 -13.52
C PRO A 75 -11.95 6.66 -13.15
N ARG A 76 -12.07 7.57 -14.11
CA ARG A 76 -12.65 8.89 -13.84
C ARG A 76 -14.07 8.82 -13.27
N LYS A 77 -14.80 7.78 -13.64
CA LYS A 77 -16.18 7.68 -13.15
C LYS A 77 -16.26 7.49 -11.65
N TYR A 78 -15.15 7.13 -10.99
CA TYR A 78 -15.12 7.03 -9.53
C TYR A 78 -14.79 8.35 -8.80
N LYS A 79 -14.45 9.40 -9.56
CA LYS A 79 -13.92 10.60 -8.95
C LYS A 79 -14.88 11.21 -7.91
N HIS A 80 -16.12 11.44 -8.29
CA HIS A 80 -17.08 12.01 -7.36
C HIS A 80 -17.32 11.12 -6.13
N ALA A 81 -17.53 9.82 -6.33
CA ALA A 81 -17.81 8.93 -5.20
C ALA A 81 -16.68 8.99 -4.17
N VAL A 82 -15.44 8.82 -4.62
CA VAL A 82 -14.33 8.85 -3.67
C VAL A 82 -14.10 10.27 -3.14
N GLY A 83 -14.14 11.26 -4.02
CA GLY A 83 -13.92 12.64 -3.61
C GLY A 83 -14.93 13.12 -2.58
N TYR A 84 -16.18 12.73 -2.71
CA TYR A 84 -17.18 13.14 -1.71
C TYR A 84 -16.93 12.48 -0.37
N GLN A 85 -16.46 11.24 -0.35
CA GLN A 85 -16.17 10.64 0.94
C GLN A 85 -14.98 11.35 1.61
N LEU A 86 -13.99 11.72 0.81
CA LEU A 86 -12.83 12.44 1.34
C LEU A 86 -13.27 13.79 1.88
N LEU A 87 -14.18 14.44 1.16
CA LEU A 87 -14.74 15.70 1.64
C LEU A 87 -15.45 15.54 2.98
N LEU A 88 -16.30 14.52 3.11
CA LEU A 88 -17.01 14.32 4.38
C LEU A 88 -16.03 14.13 5.53
N ARG A 89 -14.94 13.44 5.23
CA ARG A 89 -13.87 13.21 6.20
C ARG A 89 -13.27 14.54 6.66
N MET A 90 -12.93 15.39 5.70
CA MET A 90 -12.35 16.67 6.00
C MET A 90 -13.30 17.60 6.76
N LEU A 91 -14.57 17.59 6.37
CA LEU A 91 -15.56 18.42 7.04
C LEU A 91 -15.70 18.00 8.51
N SER A 92 -15.76 16.69 8.72
CA SER A 92 -15.90 16.13 10.05
C SER A 92 -14.73 16.52 10.95
N ASP A 93 -13.52 16.56 10.38
CA ASP A 93 -12.33 16.98 11.12
C ASP A 93 -12.46 18.35 11.79
N TYR A 94 -13.24 19.25 11.19
CA TYR A 94 -13.42 20.58 11.75
C TYR A 94 -14.86 20.86 12.16
N SER A 95 -15.59 19.80 12.47
CA SER A 95 -16.96 19.90 12.98
C SER A 95 -17.86 20.74 12.08
N LEU A 96 -17.60 20.67 10.77
CA LEU A 96 -18.46 21.36 9.81
C LEU A 96 -19.52 20.39 9.31
N GLU A 97 -20.79 20.73 9.51
CA GLU A 97 -21.85 19.87 8.98
C GLU A 97 -21.97 20.08 7.48
N PRO A 98 -22.05 18.99 6.71
CA PRO A 98 -22.17 19.16 5.26
C PRO A 98 -23.54 19.73 4.89
N THR A 99 -23.60 20.49 3.80
CA THR A 99 -24.89 20.93 3.28
C THR A 99 -25.74 19.71 2.91
N PRO A 100 -27.06 19.88 2.87
CA PRO A 100 -27.88 18.74 2.45
C PRO A 100 -27.53 18.25 1.05
N GLN A 101 -27.08 19.16 0.19
CA GLN A 101 -26.73 18.78 -1.17
C GLN A 101 -25.48 17.89 -1.18
N VAL A 102 -24.47 18.30 -0.41
CA VAL A 102 -23.25 17.51 -0.29
C VAL A 102 -23.56 16.13 0.30
N LEU A 103 -24.33 16.11 1.39
CA LEU A 103 -24.71 14.85 2.02
C LEU A 103 -25.40 13.92 1.03
N SER A 104 -26.32 14.46 0.25
CA SER A 104 -27.07 13.68 -0.72
C SER A 104 -26.19 13.16 -1.86
N ASN A 105 -25.34 14.05 -2.38
CA ASN A 105 -24.45 13.68 -3.46
C ASN A 105 -23.48 12.60 -2.99
N ALA A 106 -23.00 12.73 -1.77
CA ALA A 106 -22.06 11.75 -1.24
C ALA A 106 -22.74 10.39 -1.07
N GLN A 107 -23.93 10.40 -0.49
CA GLN A 107 -24.59 9.11 -0.25
C GLN A 107 -24.97 8.40 -1.56
N ARG A 108 -25.48 9.15 -2.53
CA ARG A 108 -25.91 8.54 -3.79
C ARG A 108 -24.72 8.03 -4.59
N SER A 109 -23.63 8.79 -4.61
CA SER A 109 -22.47 8.35 -5.37
C SER A 109 -21.80 7.14 -4.71
N TYR A 110 -21.83 7.10 -3.38
CA TYR A 110 -21.24 5.99 -2.65
C TYR A 110 -22.04 4.72 -2.86
N ASP A 111 -23.36 4.85 -2.76
CA ASP A 111 -24.27 3.73 -3.02
C ASP A 111 -24.02 3.16 -4.41
N ALA A 112 -23.85 4.05 -5.40
CA ALA A 112 -23.62 3.63 -6.77
C ALA A 112 -22.26 2.95 -6.93
N LEU A 113 -21.26 3.44 -6.22
CA LEU A 113 -19.96 2.82 -6.32
C LEU A 113 -19.94 1.41 -5.73
N MET A 114 -20.56 1.25 -4.56
CA MET A 114 -20.38 0.04 -3.77
C MET A 114 -21.42 -1.06 -4.05
N THR A 115 -22.52 -0.71 -4.70
CA THR A 115 -23.58 -1.70 -4.93
C THR A 115 -24.09 -1.63 -6.36
N ASP A 116 -24.81 -2.68 -6.76
CA ASP A 116 -25.52 -2.67 -8.02
C ASP A 116 -26.89 -3.25 -7.84
N THR A 117 -27.76 -2.92 -8.78
CA THR A 117 -29.13 -3.39 -8.77
C THR A 117 -29.37 -4.13 -10.07
N LEU A 118 -29.61 -5.45 -9.98
CA LEU A 118 -29.69 -6.29 -11.17
C LEU A 118 -31.13 -6.65 -11.47
N VAL A 119 -31.50 -6.67 -12.75
CA VAL A 119 -32.88 -6.99 -13.16
C VAL A 119 -32.81 -8.34 -13.87
N VAL A 120 -33.50 -9.32 -13.30
CA VAL A 120 -33.40 -10.69 -13.78
C VAL A 120 -34.79 -11.29 -13.93
N PRO A 121 -34.90 -12.36 -14.73
CA PRO A 121 -36.18 -13.09 -14.71
C PRO A 121 -36.41 -13.67 -13.32
N SER A 122 -37.67 -13.82 -12.88
CA SER A 122 -37.90 -14.29 -11.52
C SER A 122 -37.50 -15.75 -11.40
N MET A 123 -37.23 -16.20 -10.18
CA MET A 123 -36.86 -17.58 -9.91
C MET A 123 -37.93 -18.54 -10.40
N ARG A 124 -39.19 -18.08 -10.32
CA ARG A 124 -40.32 -18.87 -10.79
C ARG A 124 -40.23 -19.11 -12.30
N LEU A 125 -39.83 -18.08 -13.04
CA LEU A 125 -39.75 -18.16 -14.49
C LEU A 125 -38.54 -18.96 -14.98
N GLU A 126 -37.38 -18.71 -14.35
CA GLU A 126 -36.11 -19.34 -14.73
C GLU A 126 -36.20 -20.85 -14.93
N VAL B 4 0.93 -20.36 7.57
CA VAL B 4 0.92 -18.93 7.23
C VAL B 4 2.33 -18.34 7.34
N LEU B 5 2.78 -17.68 6.29
CA LEU B 5 4.14 -17.16 6.21
C LEU B 5 4.17 -15.67 6.50
N THR B 6 4.67 -15.28 7.66
CA THR B 6 4.79 -13.85 7.99
C THR B 6 5.98 -13.19 7.35
N LYS B 7 5.94 -11.86 7.30
CA LYS B 7 7.08 -11.10 6.84
C LYS B 7 8.30 -11.33 7.73
N GLY B 8 8.05 -11.46 9.03
CA GLY B 8 9.12 -11.67 10.00
C GLY B 8 9.85 -12.98 9.78
N GLU B 9 9.12 -14.01 9.36
CA GLU B 9 9.75 -15.32 9.15
C GLU B 9 10.68 -15.26 7.93
N ILE B 10 10.23 -14.59 6.87
CA ILE B 10 11.07 -14.40 5.70
C ILE B 10 12.32 -13.62 6.08
N VAL B 11 12.14 -12.56 6.85
CA VAL B 11 13.27 -11.73 7.25
C VAL B 11 14.27 -12.49 8.15
N LEU B 12 13.72 -13.24 9.09
CA LEU B 12 14.54 -13.97 10.07
C LEU B 12 15.38 -15.03 9.34
N PHE B 13 14.81 -15.64 8.30
CA PHE B 13 15.55 -16.55 7.44
C PHE B 13 16.80 -15.87 6.86
N ALA B 14 16.64 -14.69 6.29
CA ALA B 14 17.76 -13.97 5.71
C ALA B 14 18.71 -13.44 6.79
N LEU B 15 18.18 -12.95 7.91
CA LEU B 15 19.06 -12.37 8.93
C LEU B 15 19.94 -13.42 9.59
N ARG B 16 19.41 -14.61 9.82
CA ARG B 16 20.23 -15.64 10.47
C ARG B 16 21.41 -16.00 9.59
N LYS B 17 21.16 -16.11 8.29
CA LYS B 17 22.22 -16.42 7.35
C LYS B 17 23.18 -15.25 7.25
N PHE B 18 22.65 -14.03 7.30
CA PHE B 18 23.50 -12.85 7.23
C PHE B 18 24.35 -12.75 8.50
N ALA B 19 23.82 -13.17 9.64
CA ALA B 19 24.57 -13.11 10.89
C ALA B 19 25.79 -14.03 10.83
N ILE B 20 25.59 -15.19 10.24
CA ILE B 20 26.65 -16.19 10.14
C ILE B 20 27.69 -15.71 9.13
N ALA B 21 27.21 -15.22 7.99
CA ALA B 21 28.09 -14.72 6.94
C ALA B 21 28.90 -13.51 7.40
N SER B 22 28.29 -12.60 8.13
CA SER B 22 28.98 -11.39 8.56
C SER B 22 29.99 -11.69 9.66
N ASN B 23 29.75 -12.74 10.43
CA ASN B 23 30.67 -13.14 11.49
C ASN B 23 31.90 -13.83 10.92
N ALA B 24 31.69 -14.61 9.86
CA ALA B 24 32.76 -15.34 9.20
C ALA B 24 33.71 -14.39 8.46
N SER B 25 33.19 -13.24 8.06
CA SER B 25 34.02 -12.24 7.39
C SER B 25 34.90 -11.51 8.41
N LEU B 26 35.93 -10.85 7.91
CA LEU B 26 36.85 -10.10 8.77
C LEU B 26 36.38 -8.65 8.91
N THR B 27 35.06 -8.47 8.90
CA THR B 27 34.47 -7.14 8.98
C THR B 27 33.46 -7.05 10.12
N ASP B 28 33.52 -5.96 10.89
CA ASP B 28 32.62 -5.74 12.01
C ASP B 28 31.32 -5.09 11.56
N VAL B 29 30.26 -5.89 11.47
CA VAL B 29 28.96 -5.42 11.01
C VAL B 29 28.02 -5.12 12.18
N GLU B 30 27.37 -3.96 12.15
CA GLU B 30 26.40 -3.60 13.17
C GLU B 30 25.26 -4.61 13.20
N PRO B 31 24.72 -4.87 14.41
CA PRO B 31 23.63 -5.86 14.54
C PRO B 31 22.40 -5.45 13.74
N GLN B 32 21.73 -6.43 13.13
CA GLN B 32 20.61 -6.19 12.25
C GLN B 32 19.27 -6.38 12.96
N SER B 33 18.35 -5.44 12.80
CA SER B 33 17.05 -5.61 13.45
C SER B 33 16.04 -6.23 12.49
N ILE B 34 15.14 -7.02 13.04
CA ILE B 34 14.08 -7.64 12.26
C ILE B 34 13.16 -6.56 11.66
N GLU B 35 12.87 -5.52 12.40
CA GLU B 35 11.95 -4.51 11.89
CA GLU B 35 11.94 -4.50 11.86
C GLU B 35 12.55 -3.78 10.68
N ASP B 36 13.85 -3.46 10.74
CA ASP B 36 14.55 -2.91 9.57
C ASP B 36 14.52 -3.88 8.39
N GLY B 37 14.73 -5.16 8.67
CA GLY B 37 14.63 -6.19 7.64
C GLY B 37 13.26 -6.23 6.99
N VAL B 38 12.21 -6.04 7.79
CA VAL B 38 10.85 -6.09 7.24
C VAL B 38 10.66 -4.89 6.29
N ASN B 39 11.21 -3.74 6.65
CA ASN B 39 11.10 -2.60 5.75
C ASN B 39 11.95 -2.77 4.49
N ASP B 40 13.09 -3.44 4.63
CA ASP B 40 13.88 -3.79 3.46
C ASP B 40 13.15 -4.74 2.54
N LEU B 41 12.53 -5.78 3.11
CA LEU B 41 11.74 -6.73 2.35
C LEU B 41 10.61 -6.00 1.62
N GLU B 42 9.96 -5.10 2.35
CA GLU B 42 8.85 -4.33 1.78
C GLU B 42 9.31 -3.53 0.55
N ASP B 43 10.46 -2.90 0.69
CA ASP B 43 11.07 -2.11 -0.38
C ASP B 43 11.43 -3.00 -1.56
N MET B 44 12.02 -4.15 -1.28
CA MET B 44 12.36 -5.08 -2.34
C MET B 44 11.11 -5.57 -3.06
N MET B 45 10.07 -5.91 -2.31
CA MET B 45 8.83 -6.36 -2.92
C MET B 45 8.21 -5.26 -3.78
N SER B 46 8.36 -4.02 -3.35
CA SER B 46 7.86 -2.87 -4.10
C SER B 46 8.61 -2.75 -5.44
N GLU B 47 9.92 -2.92 -5.39
CA GLU B 47 10.75 -2.90 -6.60
C GLU B 47 10.35 -4.01 -7.57
N TRP B 48 9.95 -5.16 -7.02
CA TRP B 48 9.61 -6.32 -7.84
C TRP B 48 8.29 -6.17 -8.59
N MET B 49 7.45 -5.25 -8.16
CA MET B 49 6.20 -4.98 -8.87
C MET B 49 6.52 -4.58 -10.30
N ILE B 50 7.55 -3.76 -10.46
CA ILE B 50 8.04 -3.37 -11.78
C ILE B 50 8.55 -4.59 -12.55
N ASN B 51 9.49 -5.30 -11.93
CA ASN B 51 10.10 -6.49 -12.53
C ASN B 51 10.71 -7.37 -11.45
N PRO B 52 10.45 -8.68 -11.49
CA PRO B 52 9.79 -9.45 -12.56
C PRO B 52 8.26 -9.39 -12.56
N GLY B 53 7.66 -8.68 -11.61
CA GLY B 53 6.21 -8.60 -11.55
C GLY B 53 5.61 -9.08 -10.24
N ASP B 54 4.31 -8.87 -10.11
CA ASP B 54 3.55 -9.15 -8.89
C ASP B 54 3.46 -10.64 -8.55
N ILE B 55 3.88 -11.02 -7.35
CA ILE B 55 3.77 -12.41 -6.91
C ILE B 55 2.76 -12.56 -5.77
N GLY B 56 2.02 -11.49 -5.49
CA GLY B 56 0.95 -11.55 -4.51
C GLY B 56 1.33 -11.12 -3.10
N TYR B 57 2.42 -10.36 -2.98
CA TYR B 57 2.84 -9.88 -1.66
C TYR B 57 1.79 -8.92 -1.08
N ALA B 58 1.50 -9.07 0.21
CA ALA B 58 0.55 -8.16 0.89
C ALA B 58 1.26 -6.93 1.45
N PHE B 59 1.05 -5.76 0.84
CA PHE B 59 1.77 -4.55 1.23
C PHE B 59 1.06 -3.78 2.33
N ALA B 60 1.85 -3.17 3.21
CA ALA B 60 1.35 -2.16 4.13
C ALA B 60 0.92 -0.96 3.30
N THR B 61 -0.16 -0.29 3.70
CA THR B 61 -0.69 0.84 2.93
C THR B 61 -0.92 2.05 3.83
N GLY B 62 -1.04 3.24 3.23
CA GLY B 62 -1.23 4.44 4.00
C GLY B 62 -0.02 4.68 4.88
N ASP B 63 -0.25 5.01 6.15
CA ASP B 63 0.85 5.21 7.07
C ASP B 63 1.09 3.97 7.93
N GLU B 64 0.46 2.85 7.56
CA GLU B 64 0.78 1.57 8.22
C GLU B 64 2.24 1.25 8.05
N GLN B 65 2.87 0.80 9.13
CA GLN B 65 4.24 0.30 9.04
C GLN B 65 4.17 -1.22 9.02
N PRO B 66 4.88 -1.86 8.07
CA PRO B 66 4.84 -3.33 8.06
C PRO B 66 5.60 -3.87 9.26
N LEU B 67 5.07 -4.94 9.85
CA LEU B 67 5.60 -5.45 11.10
C LEU B 67 5.89 -6.96 10.92
N PRO B 68 6.79 -7.51 11.74
CA PRO B 68 7.19 -8.91 11.57
C PRO B 68 6.04 -9.91 11.64
N ASP B 69 5.03 -9.63 12.46
CA ASP B 69 3.94 -10.60 12.60
C ASP B 69 2.85 -10.44 11.53
N ASP B 70 3.02 -9.51 10.60
CA ASP B 70 2.09 -9.37 9.47
C ASP B 70 2.20 -10.55 8.51
N GLU B 71 1.08 -11.02 8.00
CA GLU B 71 1.10 -12.02 6.92
C GLU B 71 1.77 -11.43 5.68
N SER B 72 2.59 -12.22 5.00
CA SER B 72 3.30 -11.75 3.81
C SER B 72 2.42 -11.80 2.57
N GLY B 73 1.31 -12.54 2.63
CA GLY B 73 0.47 -12.77 1.47
C GLY B 73 1.06 -13.78 0.50
N LEU B 74 2.19 -14.37 0.89
CA LEU B 74 2.87 -15.36 0.06
C LEU B 74 2.71 -16.76 0.62
N PRO B 75 2.59 -17.77 -0.27
CA PRO B 75 2.57 -19.15 0.21
C PRO B 75 3.93 -19.54 0.77
N ARG B 76 3.93 -20.44 1.75
CA ARG B 76 5.14 -20.90 2.41
C ARG B 76 6.22 -21.37 1.42
N LYS B 77 5.80 -21.96 0.31
CA LYS B 77 6.73 -22.46 -0.70
C LYS B 77 7.62 -21.37 -1.31
N TYR B 78 7.28 -20.10 -1.09
CA TYR B 78 8.05 -19.01 -1.67
C TYR B 78 9.11 -18.46 -0.71
N LYS B 79 9.09 -18.94 0.53
CA LYS B 79 9.93 -18.39 1.59
C LYS B 79 11.41 -18.31 1.21
N HIS B 80 11.99 -19.41 0.73
CA HIS B 80 13.43 -19.42 0.46
C HIS B 80 13.81 -18.49 -0.66
N ALA B 81 13.02 -18.48 -1.74
CA ALA B 81 13.32 -17.65 -2.89
C ALA B 81 13.38 -16.18 -2.51
N VAL B 82 12.35 -15.72 -1.81
CA VAL B 82 12.31 -14.33 -1.41
C VAL B 82 13.39 -14.06 -0.37
N GLY B 83 13.51 -14.95 0.61
CA GLY B 83 14.51 -14.80 1.65
C GLY B 83 15.93 -14.72 1.13
N TYR B 84 16.25 -15.56 0.14
CA TYR B 84 17.60 -15.52 -0.42
C TYR B 84 17.85 -14.23 -1.19
N GLN B 85 16.84 -13.72 -1.88
CA GLN B 85 17.03 -12.46 -2.59
C GLN B 85 17.24 -11.32 -1.60
N LEU B 86 16.51 -11.36 -0.49
CA LEU B 86 16.71 -10.40 0.58
C LEU B 86 18.13 -10.51 1.15
N LEU B 87 18.60 -11.74 1.36
CA LEU B 87 19.96 -11.96 1.84
C LEU B 87 20.99 -11.34 0.90
N LEU B 88 20.83 -11.57 -0.40
CA LEU B 88 21.77 -11.06 -1.39
C LEU B 88 21.82 -9.54 -1.36
N ARG B 89 20.63 -8.95 -1.25
CA ARG B 89 20.47 -7.52 -1.09
C ARG B 89 21.30 -7.01 0.08
N MET B 90 21.20 -7.71 1.20
CA MET B 90 21.89 -7.30 2.42
C MET B 90 23.41 -7.45 2.30
N LEU B 91 23.85 -8.57 1.74
CA LEU B 91 25.27 -8.82 1.54
C LEU B 91 25.88 -7.73 0.66
N SER B 92 25.19 -7.41 -0.43
CA SER B 92 25.60 -6.34 -1.33
C SER B 92 25.68 -4.98 -0.62
N ASP B 93 24.68 -4.68 0.21
CA ASP B 93 24.64 -3.42 0.96
C ASP B 93 25.83 -3.26 1.90
N TYR B 94 26.40 -4.39 2.33
CA TYR B 94 27.52 -4.37 3.27
C TYR B 94 28.82 -4.85 2.64
N SER B 95 28.86 -4.84 1.32
CA SER B 95 30.06 -5.16 0.55
C SER B 95 30.63 -6.52 0.91
N LEU B 96 29.75 -7.45 1.25
CA LEU B 96 30.17 -8.82 1.55
C LEU B 96 29.94 -9.72 0.36
N GLU B 97 30.91 -10.58 0.08
CA GLU B 97 30.80 -11.54 -0.99
C GLU B 97 29.98 -12.75 -0.55
N PRO B 98 28.91 -13.08 -1.28
CA PRO B 98 28.12 -14.28 -1.01
C PRO B 98 28.92 -15.54 -1.29
N THR B 99 28.78 -16.56 -0.46
CA THR B 99 29.39 -17.85 -0.72
C THR B 99 28.79 -18.45 -1.99
N PRO B 100 29.52 -19.36 -2.65
CA PRO B 100 28.97 -19.99 -3.86
C PRO B 100 27.69 -20.77 -3.57
N GLN B 101 27.53 -21.24 -2.34
CA GLN B 101 26.32 -21.99 -1.99
C GLN B 101 25.14 -21.03 -1.82
N VAL B 102 25.41 -19.85 -1.27
CA VAL B 102 24.37 -18.81 -1.19
C VAL B 102 23.92 -18.42 -2.60
N LEU B 103 24.87 -18.11 -3.47
CA LEU B 103 24.55 -17.76 -4.85
C LEU B 103 23.78 -18.86 -5.57
N SER B 104 24.19 -20.10 -5.37
CA SER B 104 23.53 -21.21 -6.04
C SER B 104 22.13 -21.44 -5.48
N ASN B 105 22.00 -21.39 -4.16
CA ASN B 105 20.70 -21.60 -3.54
C ASN B 105 19.74 -20.46 -3.88
N ALA B 106 20.26 -19.25 -3.93
CA ALA B 106 19.47 -18.08 -4.34
C ALA B 106 18.98 -18.25 -5.78
N GLN B 107 19.91 -18.49 -6.70
CA GLN B 107 19.57 -18.69 -8.11
C GLN B 107 18.59 -19.84 -8.30
N ARG B 108 18.85 -20.94 -7.61
CA ARG B 108 17.99 -22.12 -7.70
C ARG B 108 16.56 -21.82 -7.25
N SER B 109 16.40 -21.28 -6.06
CA SER B 109 15.07 -21.00 -5.52
C SER B 109 14.35 -19.92 -6.34
N TYR B 110 15.10 -18.96 -6.88
CA TYR B 110 14.51 -17.90 -7.70
C TYR B 110 13.92 -18.46 -8.99
N ASP B 111 14.65 -19.36 -9.65
CA ASP B 111 14.18 -19.97 -10.90
C ASP B 111 12.92 -20.79 -10.67
N ALA B 112 12.87 -21.48 -9.53
CA ALA B 112 11.69 -22.26 -9.17
C ALA B 112 10.50 -21.35 -8.90
N LEU B 113 10.79 -20.15 -8.39
CA LEU B 113 9.76 -19.13 -8.14
C LEU B 113 9.15 -18.60 -9.43
N MET B 114 10.00 -18.18 -10.34
CA MET B 114 9.57 -17.68 -11.65
C MET B 114 8.77 -18.73 -12.41
N THR B 115 9.13 -20.01 -12.24
CA THR B 115 8.39 -21.11 -12.84
C THR B 115 7.22 -21.52 -11.96
N ASP B 116 6.35 -20.56 -11.65
CA ASP B 116 5.20 -20.81 -10.79
C ASP B 116 4.26 -19.60 -10.79
CA CA C . -7.26 -0.10 -10.46
CA CA D . -6.23 13.29 -18.62
CA CA E . 4.83 2.83 3.12
MG MG F . -25.54 1.03 -8.56
CA CA G . 14.19 1.13 -3.39
#